data_3UP0
#
_entry.id   3UP0
#
_cell.length_a   48.012
_cell.length_b   85.163
_cell.length_c   66.127
_cell.angle_alpha   90.000
_cell.angle_beta   107.100
_cell.angle_gamma   90.000
#
_symmetry.space_group_name_H-M   'P 1 21 1'
#
loop_
_entity.id
_entity.type
_entity.pdbx_description
1 polymer aceDAF-12
2 polymer 'Nuclear receptor coactivator 2'
3 non-polymer '(5beta,14beta,17alpha,25S)-3-oxocholest-7-en-26-oic acid'
4 water water
#
loop_
_entity_poly.entity_id
_entity_poly.type
_entity_poly.pdbx_seq_one_letter_code
_entity_poly.pdbx_strand_id
1 'polypeptide(L)'
;GSYQLNAAELQALDLIQEAFKGMNDPMEQGRQATSFLKNEKSPADIMNIMDVTMRRFVKMAKRLPAFNDLSQDGKFALLK
GGMIEMLTVRGVRRFDSSSGSWTTPTLGESSEVSINMFDQLNADVRSEQKMRFLQFFKIFHEDIRSNDLVISMIMLIVLF
SPRDSITDPEDRRIIARHHEQFSALLNRYLESLYGDDAHQLNEQLPTALRMLREISASSGMLFLGTVNTSEAEPLPREFF
KVE
;
A,B
2 'polypeptide(L)' KENALLRYLLDKDD P,Q
#
# COMPACT_ATOMS: atom_id res chain seq x y z
N SER A 2 15.93 4.87 -34.07
CA SER A 2 15.74 3.54 -34.69
C SER A 2 15.00 2.66 -33.69
N TYR A 3 15.64 2.30 -32.59
CA TYR A 3 14.96 1.52 -31.55
C TYR A 3 14.25 2.38 -30.53
N GLN A 4 14.58 3.68 -30.48
CA GLN A 4 14.00 4.57 -29.50
C GLN A 4 12.50 4.68 -29.70
N LEU A 5 11.78 4.83 -28.60
CA LEU A 5 10.34 4.88 -28.68
C LEU A 5 9.92 6.20 -29.27
N ASN A 6 8.95 6.16 -30.18
CA ASN A 6 8.30 7.37 -30.70
C ASN A 6 7.20 7.88 -29.78
N ALA A 7 6.60 9.01 -30.15
CA ALA A 7 5.60 9.65 -29.31
C ALA A 7 4.37 8.75 -29.08
N ALA A 8 3.91 8.06 -30.13
CA ALA A 8 2.73 7.18 -30.07
C ALA A 8 2.98 6.01 -29.10
N GLU A 9 4.20 5.46 -29.13
CA GLU A 9 4.57 4.35 -28.24
C GLU A 9 4.67 4.81 -26.81
N LEU A 10 5.27 5.98 -26.62
CA LEU A 10 5.41 6.58 -25.31
C LEU A 10 4.04 6.90 -24.73
N GLN A 11 3.13 7.39 -25.57
CA GLN A 11 1.74 7.64 -25.15
C GLN A 11 0.99 6.37 -24.70
N ALA A 12 1.13 5.30 -25.49
CA ALA A 12 0.54 3.99 -25.17
C ALA A 12 1.01 3.50 -23.81
N LEU A 13 2.30 3.70 -23.53
CA LEU A 13 2.84 3.29 -22.23
C LEU A 13 2.33 4.13 -21.06
N ASP A 14 2.24 5.44 -21.28
CA ASP A 14 1.67 6.34 -20.27
C ASP A 14 0.22 5.94 -19.93
N LEU A 15 -0.55 5.56 -20.94
CA LEU A 15 -1.95 5.15 -20.74
C LEU A 15 -2.00 3.89 -19.89
N ILE A 16 -1.08 2.97 -20.14
CA ILE A 16 -1.03 1.74 -19.37
C ILE A 16 -0.69 2.02 -17.94
N GLN A 17 0.32 2.86 -17.70
CA GLN A 17 0.72 3.20 -16.34
C GLN A 17 -0.44 3.88 -15.59
N GLU A 18 -1.17 4.71 -16.30
CA GLU A 18 -2.33 5.38 -15.69
C GLU A 18 -3.39 4.37 -15.26
N ALA A 19 -3.68 3.40 -16.12
CA ALA A 19 -4.70 2.43 -15.81
C ALA A 19 -4.36 1.61 -14.57
N PHE A 20 -3.08 1.35 -14.37
CA PHE A 20 -2.60 0.52 -13.28
C PHE A 20 -2.43 1.32 -11.98
N LYS A 21 -2.63 2.63 -12.02
CA LYS A 21 -2.60 3.42 -10.80
C LYS A 21 -3.70 2.92 -9.89
N GLY A 22 -3.30 2.45 -8.72
CA GLY A 22 -4.22 1.90 -7.78
C GLY A 22 -3.75 0.51 -7.41
N MET A 23 -3.05 -0.15 -8.34
CA MET A 23 -2.62 -1.55 -8.13
C MET A 23 -1.67 -1.67 -6.95
N ASN A 24 -0.80 -0.68 -6.78
CA ASN A 24 0.20 -0.68 -5.70
C ASN A 24 -0.17 0.23 -4.55
N ASP A 25 -1.46 0.54 -4.36
CA ASP A 25 -1.91 1.38 -3.25
C ASP A 25 -2.05 0.61 -1.95
N PRO A 26 -2.04 1.32 -0.81
CA PRO A 26 -2.15 0.62 0.47
C PRO A 26 -3.50 -0.03 0.65
N MET A 27 -3.56 -1.08 1.47
CA MET A 27 -4.82 -1.73 1.81
C MET A 27 -5.49 -1.05 3.00
N GLU A 28 -6.80 -0.86 2.92
CA GLU A 28 -7.56 -0.33 4.03
C GLU A 28 -7.62 -1.38 5.11
N GLN A 29 -7.75 -0.94 6.37
CA GLN A 29 -7.98 -1.87 7.47
C GLN A 29 -9.21 -2.72 7.14
N GLY A 30 -9.12 -4.01 7.44
CA GLY A 30 -10.21 -4.94 7.17
C GLY A 30 -9.72 -6.38 7.07
N ARG A 31 -10.64 -7.27 6.71
CA ARG A 31 -10.42 -8.71 6.62
C ARG A 31 -9.20 -9.08 5.75
N GLN A 32 -9.08 -8.43 4.60
CA GLN A 32 -8.00 -8.75 3.68
C GLN A 32 -6.64 -8.32 4.25
N ALA A 33 -6.56 -7.10 4.77
CA ALA A 33 -5.30 -6.58 5.34
C ALA A 33 -4.90 -7.42 6.54
N THR A 34 -5.86 -7.80 7.36
CA THR A 34 -5.57 -8.61 8.53
C THR A 34 -4.99 -9.94 8.11
N SER A 35 -5.56 -10.54 7.06
CA SER A 35 -5.06 -11.83 6.57
C SER A 35 -3.61 -11.72 6.07
N PHE A 36 -3.29 -10.62 5.37
CA PHE A 36 -1.94 -10.42 4.85
C PHE A 36 -0.91 -10.25 5.97
N LEU A 37 -1.33 -9.58 7.05
CA LEU A 37 -0.41 -9.31 8.17
C LEU A 37 -0.28 -10.49 9.14
N LYS A 38 -1.16 -11.45 9.03
CA LYS A 38 -1.17 -12.60 9.94
C LYS A 38 0.10 -13.44 9.74
N ASN A 39 0.83 -13.74 10.81
CA ASN A 39 2.06 -14.52 10.69
C ASN A 39 1.77 -15.95 10.22
N GLU A 40 0.78 -16.59 10.81
CA GLU A 40 0.39 -17.94 10.46
C GLU A 40 -0.90 -17.87 9.60
N LYS A 41 -0.73 -18.00 8.28
CA LYS A 41 -1.85 -17.89 7.36
C LYS A 41 -2.49 -19.24 7.02
N SER A 42 -3.82 -19.26 7.00
CA SER A 42 -4.54 -20.43 6.55
C SER A 42 -4.89 -20.29 5.07
N PRO A 43 -5.47 -21.34 4.46
CA PRO A 43 -5.94 -21.21 3.07
C PRO A 43 -6.98 -20.11 2.91
N ALA A 44 -7.86 -19.94 3.89
CA ALA A 44 -8.83 -18.85 3.82
C ALA A 44 -8.11 -17.49 3.76
N ASP A 45 -7.03 -17.33 4.52
CA ASP A 45 -6.27 -16.07 4.51
C ASP A 45 -5.70 -15.82 3.12
N ILE A 46 -5.22 -16.88 2.47
CA ILE A 46 -4.68 -16.73 1.10
C ILE A 46 -5.80 -16.24 0.17
N MET A 47 -7.00 -16.80 0.30
CA MET A 47 -8.14 -16.34 -0.51
C MET A 47 -8.46 -14.88 -0.24
N ASN A 48 -8.44 -14.47 1.01
CA ASN A 48 -8.66 -13.08 1.37
C ASN A 48 -7.65 -12.12 0.75
N ILE A 49 -6.41 -12.56 0.66
CA ILE A 49 -5.35 -11.80 0.03
C ILE A 49 -5.51 -11.69 -1.47
N MET A 50 -5.84 -12.82 -2.09
CA MET A 50 -6.10 -12.83 -3.55
C MET A 50 -7.23 -11.88 -3.92
N ASP A 51 -8.26 -11.78 -3.06
CA ASP A 51 -9.39 -10.86 -3.26
C ASP A 51 -8.95 -9.42 -3.53
N VAL A 52 -7.93 -8.94 -2.83
CA VAL A 52 -7.44 -7.59 -3.02
C VAL A 52 -6.94 -7.40 -4.45
N THR A 53 -6.05 -8.29 -4.90
CA THR A 53 -5.48 -8.20 -6.22
C THR A 53 -6.53 -8.37 -7.31
N MET A 54 -7.44 -9.33 -7.11
CA MET A 54 -8.52 -9.55 -8.10
C MET A 54 -9.39 -8.32 -8.30
N ARG A 55 -9.78 -7.68 -7.20
CA ARG A 55 -10.58 -6.47 -7.28
C ARG A 55 -9.85 -5.36 -7.99
N ARG A 56 -8.55 -5.23 -7.72
CA ARG A 56 -7.74 -4.26 -8.36
C ARG A 56 -7.55 -4.50 -9.86
N PHE A 57 -7.50 -5.75 -10.26
CA PHE A 57 -7.49 -6.06 -11.69
C PHE A 57 -8.77 -5.58 -12.39
N VAL A 58 -9.91 -5.79 -11.75
CA VAL A 58 -11.18 -5.34 -12.32
C VAL A 58 -11.13 -3.83 -12.50
N LYS A 59 -10.66 -3.13 -11.48
CA LYS A 59 -10.60 -1.68 -11.54
C LYS A 59 -9.65 -1.20 -12.61
N MET A 60 -8.49 -1.84 -12.73
CA MET A 60 -7.55 -1.48 -13.77
C MET A 60 -8.16 -1.62 -15.16
N ALA A 61 -8.82 -2.75 -15.44
CA ALA A 61 -9.31 -3.04 -16.74
C ALA A 61 -10.30 -1.97 -17.17
N LYS A 62 -11.14 -1.57 -16.23
CA LYS A 62 -12.17 -0.55 -16.50
C LYS A 62 -11.60 0.84 -16.76
N ARG A 63 -10.31 1.02 -16.43
CA ARG A 63 -9.60 2.28 -16.69
C ARG A 63 -8.88 2.28 -18.04
N LEU A 64 -8.93 1.15 -18.77
CA LEU A 64 -8.22 1.03 -20.05
C LEU A 64 -9.15 1.23 -21.23
N PRO A 65 -8.87 2.20 -22.09
CA PRO A 65 -9.72 2.45 -23.23
C PRO A 65 -9.95 1.24 -24.14
N ALA A 66 -8.91 0.45 -24.35
CA ALA A 66 -8.99 -0.79 -25.12
C ALA A 66 -10.06 -1.72 -24.58
N PHE A 67 -10.11 -1.84 -23.26
CA PHE A 67 -11.11 -2.69 -22.61
C PHE A 67 -12.52 -2.18 -22.81
N ASN A 68 -12.69 -0.85 -22.74
CA ASN A 68 -14.02 -0.25 -22.81
C ASN A 68 -14.57 -0.20 -24.24
N ASP A 69 -13.77 -0.62 -25.23
CA ASP A 69 -14.30 -0.85 -26.57
C ASP A 69 -15.13 -2.13 -26.70
N LEU A 70 -15.00 -3.03 -25.72
CA LEU A 70 -15.74 -4.28 -25.74
C LEU A 70 -17.16 -4.15 -25.23
N SER A 71 -18.00 -5.12 -25.59
CA SER A 71 -19.32 -5.23 -25.00
C SER A 71 -19.17 -5.63 -23.53
N GLN A 72 -20.25 -5.52 -22.77
CA GLN A 72 -20.17 -5.89 -21.36
C GLN A 72 -19.95 -7.40 -21.21
N ASP A 73 -20.57 -8.20 -22.09
CA ASP A 73 -20.37 -9.65 -22.03
C ASP A 73 -18.93 -10.01 -22.39
N GLY A 74 -18.35 -9.28 -23.33
CA GLY A 74 -16.97 -9.49 -23.74
C GLY A 74 -16.00 -9.20 -22.61
N LYS A 75 -16.23 -8.08 -21.97
CA LYS A 75 -15.45 -7.68 -20.81
C LYS A 75 -15.46 -8.79 -19.75
N PHE A 76 -16.65 -9.26 -19.43
CA PHE A 76 -16.83 -10.32 -18.44
C PHE A 76 -16.09 -11.58 -18.84
N ALA A 77 -16.24 -12.00 -20.09
CA ALA A 77 -15.60 -13.20 -20.56
C ALA A 77 -14.09 -13.09 -20.44
N LEU A 78 -13.52 -11.92 -20.75
CA LEU A 78 -12.05 -11.74 -20.63
C LEU A 78 -11.54 -11.80 -19.20
N LEU A 79 -12.22 -11.10 -18.29
CA LEU A 79 -11.84 -11.11 -16.89
C LEU A 79 -11.98 -12.51 -16.30
N LYS A 80 -13.08 -13.19 -16.63
CA LYS A 80 -13.29 -14.51 -16.14
C LYS A 80 -12.18 -15.47 -16.63
N GLY A 81 -11.86 -15.41 -17.91
CA GLY A 81 -10.89 -16.30 -18.52
C GLY A 81 -9.46 -16.01 -18.12
N GLY A 82 -9.16 -14.74 -17.84
CA GLY A 82 -7.77 -14.30 -17.65
C GLY A 82 -7.29 -14.02 -16.24
N MET A 83 -8.20 -14.02 -15.27
CA MET A 83 -7.88 -13.57 -13.92
C MET A 83 -6.75 -14.36 -13.28
N ILE A 84 -6.83 -15.68 -13.32
CA ILE A 84 -5.80 -16.50 -12.64
C ILE A 84 -4.45 -16.29 -13.30
N GLU A 85 -4.38 -16.21 -14.62
CA GLU A 85 -3.12 -15.90 -15.30
C GLU A 85 -2.59 -14.54 -14.86
N MET A 86 -3.47 -13.55 -14.78
CA MET A 86 -3.00 -12.20 -14.39
C MET A 86 -2.46 -12.26 -12.97
N LEU A 87 -3.14 -12.97 -12.07
CA LEU A 87 -2.69 -13.11 -10.66
C LEU A 87 -1.31 -13.74 -10.62
N THR A 88 -1.09 -14.74 -11.48
CA THR A 88 0.18 -15.43 -11.52
C THR A 88 1.31 -14.50 -11.96
N VAL A 89 1.04 -13.63 -12.93
CA VAL A 89 2.00 -12.62 -13.38
C VAL A 89 2.29 -11.63 -12.25
N ARG A 90 1.26 -11.23 -11.51
CA ARG A 90 1.48 -10.39 -10.32
C ARG A 90 2.37 -11.13 -9.35
N GLY A 91 2.15 -12.44 -9.23
CA GLY A 91 2.97 -13.29 -8.40
C GLY A 91 4.44 -13.26 -8.76
N VAL A 92 4.75 -13.26 -10.05
CA VAL A 92 6.13 -13.19 -10.51
C VAL A 92 6.75 -11.82 -10.12
N ARG A 93 6.01 -10.74 -10.34
CA ARG A 93 6.47 -9.41 -9.95
C ARG A 93 6.80 -9.31 -8.47
N ARG A 94 6.01 -9.97 -7.63
CA ARG A 94 6.09 -9.80 -6.18
C ARG A 94 6.89 -10.87 -5.45
N PHE A 95 7.42 -11.87 -6.17
CA PHE A 95 8.13 -12.98 -5.53
C PHE A 95 9.62 -12.74 -5.38
N ASP A 96 10.16 -13.32 -4.32
CA ASP A 96 11.60 -13.29 -4.02
C ASP A 96 12.03 -14.71 -3.76
N SER A 97 12.92 -15.22 -4.62
CA SER A 97 13.41 -16.58 -4.56
C SER A 97 14.24 -16.87 -3.29
N SER A 98 15.03 -15.88 -2.85
CA SER A 98 15.90 -16.04 -1.69
C SER A 98 15.08 -16.21 -0.41
N SER A 99 14.13 -15.29 -0.18
CA SER A 99 13.23 -15.42 0.96
C SER A 99 12.12 -16.43 0.73
N GLY A 100 11.86 -16.80 -0.53
CA GLY A 100 10.81 -17.77 -0.81
C GLY A 100 9.43 -17.23 -0.45
N SER A 101 9.19 -15.99 -0.79
CA SER A 101 7.92 -15.38 -0.43
C SER A 101 7.50 -14.21 -1.32
N TRP A 102 6.21 -13.92 -1.25
CA TRP A 102 5.66 -12.78 -1.91
C TRP A 102 5.49 -11.62 -0.92
N THR A 103 5.73 -10.41 -1.38
CA THR A 103 5.47 -9.19 -0.59
C THR A 103 4.58 -8.23 -1.38
N THR A 104 4.08 -7.19 -0.73
CA THR A 104 3.27 -6.17 -1.38
C THR A 104 4.04 -4.83 -1.30
N PRO A 105 3.93 -3.96 -2.33
CA PRO A 105 4.80 -2.78 -2.47
C PRO A 105 4.70 -1.72 -1.39
N THR A 106 3.53 -1.59 -0.76
CA THR A 106 3.36 -0.58 0.26
C THR A 106 3.83 -0.99 1.66
N LEU A 107 4.11 -2.27 1.89
CA LEU A 107 4.42 -2.78 3.20
C LEU A 107 5.78 -3.40 3.21
N GLY A 108 6.48 -3.25 4.33
CA GLY A 108 7.83 -3.74 4.47
C GLY A 108 7.92 -5.19 4.07
N GLU A 109 9.14 -5.67 3.85
CA GLU A 109 9.31 -7.06 3.48
C GLU A 109 9.03 -8.01 4.63
N SER A 110 8.82 -7.45 5.83
CA SER A 110 8.43 -8.23 6.99
C SER A 110 7.12 -8.98 6.75
N SER A 111 6.13 -8.30 6.23
CA SER A 111 4.83 -8.90 5.96
C SER A 111 4.95 -9.64 4.64
N GLU A 112 4.55 -10.89 4.61
CA GLU A 112 4.74 -11.66 3.37
C GLU A 112 3.89 -12.91 3.34
N VAL A 113 3.76 -13.51 2.16
CA VAL A 113 3.13 -14.79 2.05
C VAL A 113 4.22 -15.79 1.62
N SER A 114 4.42 -16.85 2.38
CA SER A 114 5.43 -17.86 2.04
C SER A 114 5.01 -18.74 0.84
N ILE A 115 5.97 -19.11 0.00
CA ILE A 115 5.74 -20.13 -1.05
C ILE A 115 5.20 -21.45 -0.43
N ASN A 116 5.50 -21.67 0.86
CA ASN A 116 5.01 -22.85 1.55
C ASN A 116 3.52 -22.81 1.89
N MET A 117 2.85 -21.70 1.57
CA MET A 117 1.39 -21.68 1.65
C MET A 117 0.78 -22.80 0.81
N PHE A 118 1.48 -23.18 -0.27
CA PHE A 118 1.00 -24.23 -1.13
C PHE A 118 0.78 -25.55 -0.37
N ASP A 119 1.63 -25.76 0.64
CA ASP A 119 1.63 -27.03 1.38
C ASP A 119 0.35 -27.29 2.20
N GLN A 120 -0.46 -26.25 2.42
CA GLN A 120 -1.75 -26.38 3.14
C GLN A 120 -2.96 -26.52 2.22
N LEU A 121 -2.75 -26.49 0.90
CA LEU A 121 -3.86 -26.55 -0.06
C LEU A 121 -4.23 -27.98 -0.43
N ASN A 122 -5.03 -28.17 -1.47
CA ASN A 122 -5.52 -29.48 -1.89
C ASN A 122 -4.36 -30.44 -2.16
N ALA A 123 -4.23 -31.47 -1.31
CA ALA A 123 -3.10 -32.42 -1.41
C ALA A 123 -2.98 -33.12 -2.75
N ASP A 124 -4.07 -33.21 -3.50
CA ASP A 124 -4.00 -33.88 -4.79
C ASP A 124 -3.23 -33.12 -5.84
N VAL A 125 -3.12 -31.79 -5.68
CA VAL A 125 -2.53 -30.94 -6.73
C VAL A 125 -1.54 -29.90 -6.22
N ARG A 126 -1.45 -29.73 -4.91
CA ARG A 126 -0.69 -28.60 -4.39
C ARG A 126 0.81 -28.65 -4.73
N SER A 127 1.41 -29.84 -4.68
CA SER A 127 2.84 -29.96 -4.88
C SER A 127 3.17 -29.64 -6.34
N GLU A 128 2.31 -30.09 -7.24
CA GLU A 128 2.51 -29.84 -8.66
C GLU A 128 2.34 -28.34 -8.98
N GLN A 129 1.38 -27.70 -8.34
CA GLN A 129 1.18 -26.27 -8.59
C GLN A 129 2.32 -25.43 -8.05
N LYS A 130 2.87 -25.82 -6.90
CA LYS A 130 4.00 -25.14 -6.30
C LYS A 130 5.17 -25.25 -7.28
N MET A 131 5.40 -26.45 -7.80
CA MET A 131 6.48 -26.64 -8.77
C MET A 131 6.28 -25.81 -10.03
N ARG A 132 5.03 -25.74 -10.52
CA ARG A 132 4.76 -25.01 -11.74
C ARG A 132 5.03 -23.50 -11.52
N PHE A 133 4.65 -22.96 -10.37
CA PHE A 133 4.88 -21.55 -10.14
C PHE A 133 6.39 -21.23 -10.09
N LEU A 134 7.15 -22.07 -9.38
CA LEU A 134 8.58 -21.84 -9.28
C LEU A 134 9.28 -21.97 -10.65
N GLN A 135 8.82 -22.94 -11.45
CA GLN A 135 9.34 -23.14 -12.79
C GLN A 135 9.06 -21.92 -13.68
N PHE A 136 7.87 -21.35 -13.58
CA PHE A 136 7.48 -20.22 -14.36
C PHE A 136 8.32 -19.00 -13.90
N PHE A 137 8.40 -18.81 -12.59
CA PHE A 137 9.17 -17.67 -12.04
C PHE A 137 10.61 -17.69 -12.58
N LYS A 138 11.17 -18.87 -12.62
CA LYS A 138 12.57 -19.06 -12.96
C LYS A 138 12.91 -18.67 -14.40
N ILE A 139 11.95 -18.68 -15.31
CA ILE A 139 12.27 -18.33 -16.70
C ILE A 139 12.65 -16.84 -16.88
N PHE A 140 12.20 -15.99 -15.98
CA PHE A 140 12.35 -14.54 -16.12
C PHE A 140 13.73 -14.04 -15.68
N HIS A 141 14.27 -13.14 -16.49
CA HIS A 141 15.46 -12.39 -16.12
C HIS A 141 15.08 -11.45 -14.95
N GLU A 142 15.98 -11.35 -13.99
CA GLU A 142 15.81 -10.52 -12.78
C GLU A 142 15.30 -9.11 -13.03
N ASP A 143 15.79 -8.48 -14.06
CA ASP A 143 15.46 -7.08 -14.35
C ASP A 143 14.21 -6.95 -15.19
N ILE A 144 13.75 -8.06 -15.75
CA ILE A 144 12.52 -8.09 -16.53
C ILE A 144 11.31 -8.33 -15.63
N ARG A 145 11.42 -9.29 -14.70
CA ARG A 145 10.33 -9.56 -13.75
C ARG A 145 10.06 -8.43 -12.78
N SER A 146 11.05 -7.56 -12.56
CA SER A 146 10.93 -6.44 -11.65
C SER A 146 10.56 -5.15 -12.36
N ASN A 147 10.32 -5.21 -13.66
CA ASN A 147 9.97 -4.04 -14.44
C ASN A 147 8.45 -3.92 -14.50
N ASP A 148 7.90 -2.90 -13.87
CA ASP A 148 6.44 -2.76 -13.81
C ASP A 148 5.78 -2.63 -15.17
N LEU A 149 6.43 -1.97 -16.14
CA LEU A 149 5.83 -1.82 -17.47
C LEU A 149 5.77 -3.13 -18.20
N VAL A 150 6.83 -3.92 -18.12
CA VAL A 150 6.83 -5.23 -18.74
C VAL A 150 5.74 -6.10 -18.14
N ILE A 151 5.70 -6.16 -16.82
CA ILE A 151 4.71 -6.96 -16.13
C ILE A 151 3.28 -6.52 -16.53
N SER A 152 3.06 -5.22 -16.54
CA SER A 152 1.77 -4.65 -16.93
C SER A 152 1.38 -5.07 -18.34
N MET A 153 2.33 -5.00 -19.26
CA MET A 153 2.05 -5.41 -20.63
C MET A 153 1.77 -6.91 -20.76
N ILE A 154 2.49 -7.72 -20.01
CA ILE A 154 2.24 -9.17 -20.02
C ILE A 154 0.83 -9.43 -19.54
N MET A 155 0.45 -8.74 -18.46
CA MET A 155 -0.90 -8.86 -17.92
C MET A 155 -1.95 -8.51 -18.98
N LEU A 156 -1.72 -7.46 -19.74
CA LEU A 156 -2.67 -7.01 -20.78
C LEU A 156 -2.72 -7.98 -21.96
N ILE A 157 -1.58 -8.56 -22.33
CA ILE A 157 -1.55 -9.56 -23.42
C ILE A 157 -2.36 -10.76 -22.96
N VAL A 158 -2.19 -11.17 -21.71
CA VAL A 158 -2.97 -12.27 -21.12
C VAL A 158 -4.44 -11.96 -21.13
N LEU A 159 -4.82 -10.76 -20.72
CA LEU A 159 -6.21 -10.36 -20.65
C LEU A 159 -6.84 -10.36 -22.03
N PHE A 160 -6.17 -9.76 -23.00
CA PHE A 160 -6.70 -9.67 -24.35
C PHE A 160 -6.20 -10.88 -25.10
N SER A 161 -6.71 -12.06 -24.72
CA SER A 161 -6.43 -13.27 -25.43
C SER A 161 -7.75 -13.84 -25.91
N PRO A 162 -7.77 -14.46 -27.09
CA PRO A 162 -9.02 -15.00 -27.63
C PRO A 162 -9.63 -16.09 -26.74
N ARG A 163 -10.94 -16.08 -26.63
CA ARG A 163 -11.67 -17.04 -25.83
C ARG A 163 -12.78 -17.58 -26.70
N ASP A 164 -12.97 -18.90 -26.71
CA ASP A 164 -14.11 -19.47 -27.48
C ASP A 164 -15.45 -19.04 -26.89
N SER A 165 -15.48 -18.61 -25.63
CA SER A 165 -16.68 -18.10 -24.96
C SER A 165 -17.20 -16.80 -25.57
N ILE A 166 -16.37 -16.12 -26.34
CA ILE A 166 -16.74 -14.86 -26.97
C ILE A 166 -17.17 -15.11 -28.41
N THR A 167 -18.44 -14.84 -28.70
CA THR A 167 -19.00 -15.10 -30.02
C THR A 167 -19.17 -13.83 -30.85
N ASP A 168 -19.34 -12.68 -30.20
CA ASP A 168 -19.56 -11.45 -30.90
C ASP A 168 -18.41 -11.10 -31.85
N PRO A 169 -18.70 -11.01 -33.17
CA PRO A 169 -17.65 -10.67 -34.15
C PRO A 169 -16.83 -9.44 -33.84
N GLU A 170 -17.45 -8.36 -33.38
CA GLU A 170 -16.71 -7.15 -33.09
C GLU A 170 -15.79 -7.32 -31.87
N ASP A 171 -16.30 -7.90 -30.81
CA ASP A 171 -15.46 -8.21 -29.64
C ASP A 171 -14.23 -9.04 -30.06
N ARG A 172 -14.46 -10.06 -30.86
CA ARG A 172 -13.38 -10.98 -31.26
C ARG A 172 -12.30 -10.22 -32.04
N ARG A 173 -12.75 -9.31 -32.91
CA ARG A 173 -11.83 -8.46 -33.68
C ARG A 173 -11.00 -7.53 -32.77
N ILE A 174 -11.65 -6.88 -31.83
CA ILE A 174 -10.98 -6.00 -30.89
C ILE A 174 -9.95 -6.79 -30.04
N ILE A 175 -10.33 -7.97 -29.59
CA ILE A 175 -9.44 -8.74 -28.72
C ILE A 175 -8.20 -9.13 -29.51
N ALA A 176 -8.38 -9.65 -30.71
CA ALA A 176 -7.23 -10.07 -31.50
C ALA A 176 -6.33 -8.88 -31.81
N ARG A 177 -6.92 -7.74 -32.10
CA ARG A 177 -6.15 -6.56 -32.44
C ARG A 177 -5.29 -6.11 -31.27
N HIS A 178 -5.87 -6.06 -30.07
CA HIS A 178 -5.12 -5.62 -28.90
C HIS A 178 -4.09 -6.66 -28.43
N HIS A 179 -4.37 -7.93 -28.61
CA HIS A 179 -3.39 -8.96 -28.30
C HIS A 179 -2.10 -8.68 -29.07
N GLU A 180 -2.25 -8.39 -30.35
CA GLU A 180 -1.08 -8.08 -31.20
C GLU A 180 -0.46 -6.72 -30.86
N GLN A 181 -1.31 -5.73 -30.57
CA GLN A 181 -0.84 -4.40 -30.23
C GLN A 181 0.04 -4.39 -28.99
N PHE A 182 -0.43 -5.01 -27.93
CA PHE A 182 0.32 -4.99 -26.70
C PHE A 182 1.57 -5.89 -26.83
N SER A 183 1.48 -6.95 -27.61
CA SER A 183 2.67 -7.80 -27.87
C SER A 183 3.75 -7.00 -28.58
N ALA A 184 3.34 -6.25 -29.59
CA ALA A 184 4.25 -5.41 -30.39
C ALA A 184 4.83 -4.30 -29.54
N LEU A 185 4.02 -3.70 -28.68
CA LEU A 185 4.48 -2.63 -27.81
C LEU A 185 5.52 -3.14 -26.82
N LEU A 186 5.29 -4.32 -26.26
CA LEU A 186 6.24 -4.89 -25.34
C LEU A 186 7.57 -5.10 -26.03
N ASN A 187 7.53 -5.66 -27.25
CA ASN A 187 8.76 -5.83 -27.99
C ASN A 187 9.46 -4.51 -28.24
N ARG A 188 8.73 -3.48 -28.64
CA ARG A 188 9.34 -2.17 -28.88
C ARG A 188 9.93 -1.55 -27.64
N TYR A 189 9.22 -1.70 -26.53
CA TYR A 189 9.71 -1.21 -25.26
C TYR A 189 11.04 -1.88 -24.95
N LEU A 190 11.10 -3.21 -25.05
CA LEU A 190 12.30 -3.96 -24.71
C LEU A 190 13.44 -3.59 -25.68
N GLU A 191 13.13 -3.39 -26.96
CA GLU A 191 14.15 -2.92 -27.90
C GLU A 191 14.68 -1.54 -27.52
N SER A 192 13.82 -0.67 -27.04
CA SER A 192 14.25 0.68 -26.64
C SER A 192 15.24 0.67 -25.48
N LEU A 193 15.14 -0.35 -24.61
CA LEU A 193 16.02 -0.49 -23.49
C LEU A 193 17.29 -1.29 -23.79
N TYR A 194 17.16 -2.35 -24.58
CA TYR A 194 18.24 -3.34 -24.71
C TYR A 194 18.72 -3.57 -26.16
N GLY A 195 18.10 -2.87 -27.10
CA GLY A 195 18.46 -3.00 -28.51
C GLY A 195 18.36 -4.42 -29.00
N ASP A 196 19.38 -4.90 -29.71
CA ASP A 196 19.31 -6.23 -30.32
C ASP A 196 19.18 -7.35 -29.30
N ASP A 197 19.66 -7.13 -28.08
CA ASP A 197 19.53 -8.10 -27.00
C ASP A 197 18.06 -8.38 -26.67
N ALA A 198 17.15 -7.49 -27.06
CA ALA A 198 15.71 -7.69 -26.79
C ALA A 198 15.12 -8.82 -27.62
N HIS A 199 15.75 -9.17 -28.73
CA HIS A 199 15.20 -10.20 -29.62
C HIS A 199 15.00 -11.52 -28.88
N GLN A 200 15.95 -11.87 -28.03
CA GLN A 200 15.91 -13.10 -27.25
C GLN A 200 14.76 -13.12 -26.26
N LEU A 201 14.49 -11.98 -25.63
CA LEU A 201 13.35 -11.83 -24.71
C LEU A 201 12.02 -11.93 -25.48
N ASN A 202 11.95 -11.30 -26.66
CA ASN A 202 10.73 -11.36 -27.45
C ASN A 202 10.38 -12.79 -27.81
N GLU A 203 11.40 -13.56 -28.14
CA GLU A 203 11.21 -14.96 -28.51
C GLU A 203 10.70 -15.83 -27.37
N GLN A 204 10.85 -15.35 -26.13
CA GLN A 204 10.37 -16.08 -24.96
C GLN A 204 8.91 -15.77 -24.60
N LEU A 205 8.35 -14.71 -25.16
CA LEU A 205 6.97 -14.33 -24.86
C LEU A 205 5.99 -15.53 -25.06
N PRO A 206 6.04 -16.21 -26.22
CA PRO A 206 5.13 -17.35 -26.39
C PRO A 206 5.28 -18.44 -25.33
N THR A 207 6.50 -18.66 -24.85
CA THR A 207 6.79 -19.63 -23.80
C THR A 207 6.10 -19.21 -22.51
N ALA A 208 6.27 -17.94 -22.16
CA ALA A 208 5.56 -17.44 -20.99
C ALA A 208 4.04 -17.62 -21.07
N LEU A 209 3.47 -17.30 -22.22
CA LEU A 209 2.01 -17.36 -22.35
C LEU A 209 1.50 -18.80 -22.23
N ARG A 210 2.19 -19.74 -22.85
CA ARG A 210 1.77 -21.13 -22.78
C ARG A 210 1.91 -21.71 -21.37
N MET A 211 2.97 -21.31 -20.65
CA MET A 211 3.16 -21.75 -19.26
C MET A 211 2.08 -21.17 -18.36
N LEU A 212 1.71 -19.91 -18.60
CA LEU A 212 0.64 -19.28 -17.86
C LEU A 212 -0.68 -20.00 -18.05
N ARG A 213 -0.97 -20.34 -19.31
CA ARG A 213 -2.19 -21.05 -19.59
C ARG A 213 -2.22 -22.39 -18.86
N GLU A 214 -1.12 -23.12 -18.88
CA GLU A 214 -0.99 -24.37 -18.14
C GLU A 214 -1.28 -24.19 -16.65
N ILE A 215 -0.72 -23.13 -16.06
CA ILE A 215 -0.96 -22.88 -14.64
C ILE A 215 -2.45 -22.63 -14.41
N SER A 216 -3.06 -21.78 -15.21
CA SER A 216 -4.48 -21.49 -15.03
C SER A 216 -5.33 -22.75 -15.19
N ALA A 217 -4.96 -23.58 -16.15
CA ALA A 217 -5.74 -24.78 -16.45
C ALA A 217 -5.63 -25.87 -15.42
N SER A 218 -4.65 -25.76 -14.52
CA SER A 218 -4.40 -26.77 -13.49
C SER A 218 -4.60 -26.29 -12.06
N SER A 219 -5.03 -25.05 -11.89
CA SER A 219 -5.14 -24.44 -10.55
C SER A 219 -6.55 -24.46 -9.96
N GLY A 220 -7.56 -24.73 -10.76
CA GLY A 220 -8.95 -24.58 -10.33
C GLY A 220 -9.39 -25.33 -9.08
N MET A 221 -8.80 -26.49 -8.80
CA MET A 221 -9.17 -27.25 -7.58
C MET A 221 -8.20 -27.08 -6.41
N LEU A 222 -7.29 -26.12 -6.47
CA LEU A 222 -6.29 -25.98 -5.46
C LEU A 222 -6.81 -25.74 -4.05
N PHE A 223 -7.96 -25.10 -3.94
CA PHE A 223 -8.51 -24.78 -2.61
C PHE A 223 -9.63 -25.74 -2.20
N LEU A 224 -9.90 -26.75 -3.01
CA LEU A 224 -10.99 -27.68 -2.72
C LEU A 224 -10.79 -28.36 -1.35
N GLY A 225 -11.79 -28.21 -0.49
CA GLY A 225 -11.77 -28.82 0.84
C GLY A 225 -10.84 -28.22 1.85
N THR A 226 -10.34 -27.01 1.60
CA THR A 226 -9.36 -26.39 2.51
C THR A 226 -9.88 -25.15 3.24
N VAL A 227 -11.11 -24.72 2.96
CA VAL A 227 -11.57 -23.43 3.45
C VAL A 227 -13.00 -23.50 3.97
N ASN A 228 -13.25 -22.79 5.06
CA ASN A 228 -14.60 -22.49 5.52
C ASN A 228 -15.05 -21.24 4.82
N THR A 229 -16.12 -21.35 4.02
CA THR A 229 -16.66 -20.23 3.24
C THR A 229 -16.93 -18.99 4.08
N SER A 230 -17.33 -19.17 5.34
CA SER A 230 -17.60 -18.03 6.21
C SER A 230 -16.32 -17.26 6.59
N GLU A 231 -15.15 -17.84 6.33
CA GLU A 231 -13.87 -17.18 6.59
C GLU A 231 -13.14 -16.64 5.34
N ALA A 232 -13.72 -16.86 4.17
CA ALA A 232 -13.04 -16.50 2.90
C ALA A 232 -13.90 -15.60 2.01
N GLU A 233 -13.28 -14.54 1.49
CA GLU A 233 -13.94 -13.63 0.56
C GLU A 233 -14.64 -14.36 -0.59
N PRO A 234 -15.83 -13.87 -1.00
CA PRO A 234 -16.55 -14.54 -2.06
C PRO A 234 -15.93 -14.47 -3.48
N LEU A 235 -15.29 -13.36 -3.82
CA LEU A 235 -14.78 -13.20 -5.18
C LEU A 235 -13.79 -14.31 -5.57
N PRO A 236 -12.77 -14.58 -4.73
CA PRO A 236 -11.85 -15.64 -5.11
C PRO A 236 -12.50 -17.02 -5.19
N ARG A 237 -13.60 -17.21 -4.43
CA ARG A 237 -14.32 -18.45 -4.46
C ARG A 237 -15.08 -18.67 -5.76
N GLU A 238 -15.26 -17.62 -6.57
CA GLU A 238 -15.82 -17.79 -7.93
C GLU A 238 -14.82 -18.40 -8.90
N PHE A 239 -13.52 -18.24 -8.61
CA PHE A 239 -12.47 -18.79 -9.43
C PHE A 239 -11.89 -20.11 -8.92
N PHE A 240 -11.93 -20.28 -7.60
CA PHE A 240 -11.40 -21.47 -6.94
C PHE A 240 -12.49 -22.12 -6.11
N LYS A 241 -13.02 -23.21 -6.64
CA LYS A 241 -14.09 -23.98 -6.00
C LYS A 241 -13.59 -24.52 -4.66
N VAL A 242 -14.29 -24.24 -3.57
CA VAL A 242 -13.86 -24.76 -2.25
C VAL A 242 -14.69 -25.95 -1.79
N GLU A 243 -15.85 -26.14 -2.42
CA GLU A 243 -16.79 -27.21 -2.09
C GLU A 243 -17.48 -27.65 -3.36
N GLU B 2 -22.54 -18.35 -10.83
CA GLU B 2 -22.44 -17.75 -12.18
C GLU B 2 -21.58 -16.49 -12.17
N ASN B 3 -20.61 -16.47 -11.24
CA ASN B 3 -19.68 -15.36 -11.11
C ASN B 3 -20.42 -14.03 -10.94
N ALA B 4 -21.47 -14.01 -10.11
CA ALA B 4 -22.28 -12.83 -9.95
C ALA B 4 -21.48 -11.68 -9.41
N LEU B 5 -20.56 -11.93 -8.47
CA LEU B 5 -19.84 -10.81 -7.89
C LEU B 5 -18.84 -10.20 -8.88
N LEU B 6 -18.18 -11.04 -9.67
CA LEU B 6 -17.31 -10.48 -10.71
C LEU B 6 -18.09 -9.60 -11.64
N ARG B 7 -19.26 -10.06 -12.06
CA ARG B 7 -20.06 -9.29 -12.98
C ARG B 7 -20.47 -7.96 -12.35
N TYR B 8 -20.90 -8.03 -11.09
CA TYR B 8 -21.29 -6.84 -10.34
C TYR B 8 -20.18 -5.81 -10.26
N LEU B 9 -18.96 -6.28 -9.97
CA LEU B 9 -17.84 -5.38 -9.86
C LEU B 9 -17.44 -4.80 -11.19
N LEU B 10 -17.57 -5.58 -12.25
CA LEU B 10 -17.26 -5.12 -13.58
C LEU B 10 -18.24 -4.02 -14.00
N ASP B 11 -19.52 -4.21 -13.65
CA ASP B 11 -20.56 -3.30 -14.13
C ASP B 11 -20.85 -2.09 -13.23
N LYS B 12 -20.22 -2.02 -12.05
CA LYS B 12 -20.45 -0.89 -11.13
C LYS B 12 -19.66 0.37 -11.47
N ASP B 13 -20.04 1.48 -10.82
CA ASP B 13 -19.36 2.79 -11.00
C ASP B 13 -18.36 2.97 -9.88
N ASP B 14 -17.07 2.83 -10.20
CA ASP B 14 -16.03 2.86 -9.18
C ASP B 14 -15.77 4.29 -8.74
N SER C 2 20.90 27.24 -8.10
CA SER C 2 20.56 25.93 -8.69
C SER C 2 19.84 25.09 -7.64
N TYR C 3 20.55 24.63 -6.61
CA TYR C 3 19.92 23.86 -5.54
C TYR C 3 19.27 24.73 -4.49
N GLN C 4 19.61 26.02 -4.45
CA GLN C 4 19.04 26.93 -3.47
C GLN C 4 17.53 27.03 -3.67
N LEU C 5 16.81 27.20 -2.57
CA LEU C 5 15.36 27.27 -2.65
C LEU C 5 14.97 28.65 -3.16
N ASN C 6 13.99 28.66 -4.06
CA ASN C 6 13.37 29.87 -4.57
C ASN C 6 12.23 30.34 -3.67
N ALA C 7 11.53 31.40 -4.09
CA ALA C 7 10.41 31.96 -3.32
C ALA C 7 9.15 31.06 -3.30
N ALA C 8 8.90 30.27 -4.35
CA ALA C 8 7.75 29.36 -4.39
C ALA C 8 7.90 28.22 -3.36
N GLU C 9 9.11 27.68 -3.30
CA GLU C 9 9.48 26.63 -2.35
C GLU C 9 9.54 27.16 -0.93
N LEU C 10 10.15 28.33 -0.76
CA LEU C 10 10.17 29.02 0.53
C LEU C 10 8.77 29.25 1.07
N GLN C 11 7.84 29.59 0.16
CA GLN C 11 6.44 29.83 0.53
C GLN C 11 5.71 28.56 1.00
N ALA C 12 5.85 27.46 0.25
CA ALA C 12 5.26 26.19 0.63
C ALA C 12 5.84 25.72 1.97
N LEU C 13 7.15 25.89 2.17
CA LEU C 13 7.78 25.54 3.46
C LEU C 13 7.29 26.40 4.59
N ASP C 14 7.12 27.69 4.32
CA ASP C 14 6.59 28.60 5.32
C ASP C 14 5.19 28.23 5.78
N LEU C 15 4.32 27.85 4.85
CA LEU C 15 2.97 27.42 5.19
C LEU C 15 2.98 26.13 6.04
N ILE C 16 3.90 25.22 5.76
CA ILE C 16 4.04 23.99 6.53
C ILE C 16 4.46 24.32 7.94
N GLN C 17 5.46 25.18 8.08
CA GLN C 17 5.91 25.58 9.41
C GLN C 17 4.78 26.23 10.21
N GLU C 18 4.01 27.11 9.59
CA GLU C 18 2.87 27.77 10.21
C GLU C 18 1.84 26.74 10.68
N ALA C 19 1.52 25.77 9.83
CA ALA C 19 0.50 24.79 10.20
C ALA C 19 0.93 23.96 11.41
N PHE C 20 2.22 23.64 11.49
CA PHE C 20 2.72 22.81 12.59
C PHE C 20 3.10 23.63 13.83
N LYS C 21 2.97 24.95 13.75
CA LYS C 21 3.24 25.79 14.90
C LYS C 21 2.14 25.51 15.90
N GLY C 22 2.54 25.07 17.07
CA GLY C 22 1.59 24.67 18.09
C GLY C 22 1.80 23.23 18.52
N MET C 23 2.33 22.41 17.63
CA MET C 23 2.59 21.02 17.96
C MET C 23 3.44 20.86 19.21
N ASN C 24 4.39 21.76 19.42
CA ASN C 24 5.32 21.64 20.54
C ASN C 24 5.02 22.54 21.73
N ASP C 25 3.86 23.18 21.71
CA ASP C 25 3.49 24.12 22.78
C ASP C 25 3.26 23.36 24.09
N PRO C 26 3.40 24.03 25.23
CA PRO C 26 3.13 23.36 26.49
C PRO C 26 1.79 22.63 26.54
N MET C 27 1.78 21.46 27.16
CA MET C 27 0.58 20.61 27.23
C MET C 27 -0.44 21.25 28.19
N GLU C 28 -1.72 21.12 27.89
CA GLU C 28 -2.69 21.60 28.83
C GLU C 28 -2.77 20.69 30.03
N GLN C 29 -3.01 21.25 31.21
CA GLN C 29 -3.19 20.46 32.40
C GLN C 29 -4.41 19.57 32.26
N GLY C 30 -4.39 18.42 32.93
CA GLY C 30 -5.48 17.46 32.87
C GLY C 30 -5.01 16.01 32.83
N ARG C 31 -5.91 15.11 32.41
CA ARG C 31 -5.66 13.66 32.48
C ARG C 31 -4.44 13.26 31.67
N GLN C 32 -4.24 13.90 30.53
CA GLN C 32 -3.14 13.51 29.67
C GLN C 32 -1.79 13.89 30.27
N ALA C 33 -1.71 15.10 30.84
CA ALA C 33 -0.49 15.52 31.50
C ALA C 33 -0.18 14.68 32.72
N THR C 34 -1.21 14.33 33.48
CA THR C 34 -1.04 13.46 34.65
C THR C 34 -0.48 12.10 34.23
N SER C 35 -1.00 11.58 33.13
CA SER C 35 -0.48 10.34 32.60
C SER C 35 0.97 10.44 32.15
N PHE C 36 1.34 11.52 31.47
CA PHE C 36 2.72 11.65 31.00
C PHE C 36 3.68 11.71 32.18
N LEU C 37 3.23 12.31 33.28
CA LEU C 37 4.08 12.53 34.43
C LEU C 37 4.17 11.33 35.37
N LYS C 38 3.36 10.31 35.13
CA LYS C 38 3.42 9.11 35.98
C LYS C 38 4.73 8.36 35.78
N ASN C 39 5.41 8.03 36.89
CA ASN C 39 6.66 7.27 36.81
C ASN C 39 6.41 5.88 36.24
N GLU C 40 5.39 5.19 36.74
CA GLU C 40 5.03 3.87 36.25
C GLU C 40 3.76 3.92 35.43
N LYS C 41 3.90 3.91 34.11
CA LYS C 41 2.76 4.10 33.23
C LYS C 41 2.06 2.81 32.88
N SER C 42 0.74 2.86 32.82
CA SER C 42 -0.05 1.74 32.36
C SER C 42 -0.35 1.89 30.88
N PRO C 43 -0.93 0.86 30.26
CA PRO C 43 -1.36 1.02 28.87
C PRO C 43 -2.39 2.13 28.67
N ALA C 44 -3.29 2.33 29.63
CA ALA C 44 -4.20 3.46 29.57
C ALA C 44 -3.48 4.81 29.58
N ASP C 45 -2.42 4.92 30.37
CA ASP C 45 -1.62 6.13 30.37
C ASP C 45 -1.02 6.41 29.00
N ILE C 46 -0.59 5.36 28.32
CA ILE C 46 -0.02 5.52 26.98
C ILE C 46 -1.11 6.06 26.04
N MET C 47 -2.32 5.54 26.15
CA MET C 47 -3.41 6.03 25.30
C MET C 47 -3.72 7.50 25.58
N ASN C 48 -3.70 7.90 26.84
CA ASN C 48 -3.90 9.28 27.21
C ASN C 48 -2.84 10.22 26.62
N ILE C 49 -1.62 9.75 26.59
CA ILE C 49 -0.51 10.52 26.03
C ILE C 49 -0.66 10.69 24.51
N MET C 50 -0.99 9.60 23.82
CA MET C 50 -1.25 9.64 22.38
C MET C 50 -2.35 10.63 22.03
N ASP C 51 -3.35 10.73 22.89
CA ASP C 51 -4.48 11.66 22.68
C ASP C 51 -4.02 13.10 22.39
N VAL C 52 -2.99 13.55 23.10
CA VAL C 52 -2.49 14.90 22.92
C VAL C 52 -1.96 15.08 21.50
N THR C 53 -1.09 14.16 21.08
CA THR C 53 -0.54 14.26 19.73
C THR C 53 -1.62 14.18 18.66
N MET C 54 -2.54 13.26 18.84
CA MET C 54 -3.63 13.09 17.84
C MET C 54 -4.45 14.37 17.70
N ARG C 55 -4.82 14.98 18.83
CA ARG C 55 -5.57 16.23 18.80
C ARG C 55 -4.80 17.31 18.08
N ARG C 56 -3.50 17.37 18.32
CA ARG C 56 -2.66 18.36 17.68
C ARG C 56 -2.50 18.13 16.18
N PHE C 57 -2.51 16.90 15.75
CA PHE C 57 -2.51 16.61 14.33
C PHE C 57 -3.79 17.08 13.65
N VAL C 58 -4.92 16.91 14.32
CA VAL C 58 -6.18 17.46 13.77
C VAL C 58 -6.10 18.98 13.61
N LYS C 59 -5.58 19.66 14.62
CA LYS C 59 -5.42 21.10 14.57
C LYS C 59 -4.47 21.53 13.47
N MET C 60 -3.38 20.79 13.31
CA MET C 60 -2.42 21.11 12.26
C MET C 60 -3.09 20.99 10.90
N ALA C 61 -3.83 19.92 10.69
CA ALA C 61 -4.38 19.64 9.38
C ALA C 61 -5.35 20.75 8.98
N LYS C 62 -6.14 21.21 9.95
CA LYS C 62 -7.14 22.24 9.72
C LYS C 62 -6.52 23.60 9.41
N ARG C 63 -5.24 23.76 9.71
CA ARG C 63 -4.47 24.99 9.42
C ARG C 63 -3.72 24.93 8.08
N LEU C 64 -3.79 23.81 7.38
CA LEU C 64 -3.01 23.64 6.15
C LEU C 64 -3.92 23.89 4.96
N PRO C 65 -3.61 24.93 4.17
CA PRO C 65 -4.46 25.20 3.02
C PRO C 65 -4.66 23.99 2.10
N ALA C 66 -3.63 23.18 1.87
CA ALA C 66 -3.75 21.98 1.03
C ALA C 66 -4.83 21.02 1.52
N PHE C 67 -4.91 20.86 2.83
CA PHE C 67 -5.93 19.99 3.44
C PHE C 67 -7.33 20.58 3.28
N ASN C 68 -7.44 21.89 3.40
CA ASN C 68 -8.73 22.55 3.28
C ASN C 68 -9.32 22.60 1.87
N ASP C 69 -8.55 22.16 0.87
CA ASP C 69 -9.08 21.99 -0.48
C ASP C 69 -10.01 20.78 -0.60
N LEU C 70 -9.91 19.85 0.36
CA LEU C 70 -10.70 18.63 0.31
C LEU C 70 -12.13 18.79 0.86
N SER C 71 -13.00 17.86 0.47
CA SER C 71 -14.34 17.80 1.03
C SER C 71 -14.20 17.34 2.48
N GLN C 72 -15.23 17.55 3.27
CA GLN C 72 -15.21 17.06 4.66
C GLN C 72 -15.04 15.56 4.76
N ASP C 73 -15.71 14.78 3.91
CA ASP C 73 -15.52 13.35 3.92
C ASP C 73 -14.07 12.97 3.56
N GLY C 74 -13.48 13.70 2.64
CA GLY C 74 -12.10 13.44 2.24
C GLY C 74 -11.14 13.71 3.37
N LYS C 75 -11.35 14.83 4.04
CA LYS C 75 -10.56 15.18 5.20
C LYS C 75 -10.62 14.06 6.24
N PHE C 76 -11.83 13.59 6.52
CA PHE C 76 -12.01 12.52 7.49
C PHE C 76 -11.26 11.24 7.11
N ALA C 77 -11.44 10.78 5.87
CA ALA C 77 -10.78 9.59 5.40
C ALA C 77 -9.26 9.68 5.51
N LEU C 78 -8.69 10.83 5.17
CA LEU C 78 -7.23 10.97 5.25
C LEU C 78 -6.74 10.95 6.69
N LEU C 79 -7.41 11.65 7.59
CA LEU C 79 -6.98 11.60 8.99
C LEU C 79 -7.16 10.25 9.61
N LYS C 80 -8.28 9.59 9.33
CA LYS C 80 -8.50 8.26 9.84
C LYS C 80 -7.44 7.31 9.33
N GLY C 81 -7.07 7.44 8.06
CA GLY C 81 -6.21 6.52 7.43
C GLY C 81 -4.75 6.75 7.76
N GLY C 82 -4.40 8.00 8.07
CA GLY C 82 -3.01 8.37 8.26
C GLY C 82 -2.54 8.70 9.68
N MET C 83 -3.45 8.76 10.63
CA MET C 83 -3.10 9.20 11.97
C MET C 83 -2.01 8.40 12.62
N ILE C 84 -2.10 7.07 12.59
CA ILE C 84 -1.08 6.26 13.26
C ILE C 84 0.26 6.40 12.56
N GLU C 85 0.28 6.51 11.24
CA GLU C 85 1.55 6.73 10.54
C GLU C 85 2.18 8.05 11.01
N MET C 86 1.39 9.12 11.08
CA MET C 86 1.90 10.42 11.50
C MET C 86 2.38 10.35 12.94
N LEU C 87 1.66 9.63 13.79
CA LEU C 87 2.07 9.44 15.18
C LEU C 87 3.40 8.74 15.29
N THR C 88 3.62 7.75 14.43
CA THR C 88 4.87 7.01 14.41
C THR C 88 6.05 7.91 14.00
N VAL C 89 5.83 8.79 13.03
CA VAL C 89 6.84 9.75 12.60
C VAL C 89 7.15 10.72 13.75
N ARG C 90 6.11 11.16 14.48
CA ARG C 90 6.34 11.95 15.71
C ARG C 90 7.20 11.16 16.67
N GLY C 91 6.93 9.88 16.80
CA GLY C 91 7.73 8.99 17.62
C GLY C 91 9.20 9.02 17.26
N VAL C 92 9.51 9.01 15.98
CA VAL C 92 10.91 9.07 15.54
C VAL C 92 11.57 10.40 15.98
N ARG C 93 10.89 11.50 15.79
CA ARG C 93 11.39 12.81 16.18
C ARG C 93 11.66 12.87 17.67
N ARG C 94 10.86 12.18 18.47
CA ARG C 94 10.94 12.31 19.93
C ARG C 94 11.68 11.18 20.63
N PHE C 95 12.25 10.22 19.89
CA PHE C 95 12.91 9.06 20.50
C PHE C 95 14.41 9.24 20.68
N ASP C 96 14.94 8.61 21.74
CA ASP C 96 16.39 8.52 22.02
C ASP C 96 16.79 7.05 22.17
N SER C 97 17.68 6.59 21.31
CA SER C 97 18.08 5.21 21.24
C SER C 97 18.85 4.81 22.50
N SER C 98 19.59 5.76 23.05
CA SER C 98 20.43 5.55 24.25
C SER C 98 19.61 5.29 25.48
N SER C 99 18.71 6.22 25.83
CA SER C 99 17.83 6.05 26.98
C SER C 99 16.68 5.11 26.67
N GLY C 100 16.45 4.84 25.39
CA GLY C 100 15.38 3.91 25.00
C GLY C 100 14.04 4.48 25.40
N SER C 101 13.84 5.77 25.13
CA SER C 101 12.59 6.41 25.53
C SER C 101 12.23 7.61 24.67
N TRP C 102 10.95 7.95 24.73
CA TRP C 102 10.41 9.15 24.12
C TRP C 102 10.31 10.23 25.18
N THR C 103 10.59 11.46 24.78
CA THR C 103 10.39 12.65 25.60
C THR C 103 9.54 13.63 24.82
N THR C 104 9.05 14.66 25.50
CA THR C 104 8.20 15.65 24.85
C THR C 104 8.70 17.06 25.12
N PRO C 105 8.55 17.97 24.15
CA PRO C 105 8.85 19.37 24.39
C PRO C 105 7.68 20.09 25.06
N THR C 106 6.57 19.39 25.27
CA THR C 106 5.34 19.99 25.79
C THR C 106 5.34 20.01 27.33
N LEU C 107 6.30 19.33 27.95
CA LEU C 107 6.49 19.31 29.41
C LEU C 107 7.98 19.30 29.69
N GLY C 108 8.37 19.11 30.96
CA GLY C 108 9.81 18.99 31.26
C GLY C 108 10.46 17.82 30.53
N GLU C 109 11.76 17.89 30.31
CA GLU C 109 12.47 16.77 29.63
C GLU C 109 12.68 15.54 30.54
N SER C 110 12.37 15.68 31.83
CA SER C 110 12.56 14.62 32.81
C SER C 110 11.68 13.39 32.58
N SER C 111 10.38 13.57 32.49
CA SER C 111 9.47 12.42 32.37
C SER C 111 9.62 11.86 30.97
N GLU C 112 9.28 10.59 30.83
CA GLU C 112 9.37 9.98 29.52
C GLU C 112 8.50 8.77 29.38
N VAL C 113 8.49 8.21 28.17
CA VAL C 113 7.84 6.95 27.91
C VAL C 113 8.90 6.00 27.42
N SER C 114 9.02 4.87 28.09
CA SER C 114 9.99 3.85 27.71
C SER C 114 9.57 3.04 26.51
N ILE C 115 10.53 2.68 25.67
CA ILE C 115 10.28 1.71 24.60
C ILE C 115 9.67 0.41 25.16
N ASN C 116 9.96 0.11 26.41
CA ASN C 116 9.49 -1.13 27.01
C ASN C 116 8.01 -1.09 27.35
N MET C 117 7.35 0.06 27.09
CA MET C 117 5.91 0.15 27.25
C MET C 117 5.21 -0.88 26.36
N PHE C 118 5.86 -1.28 25.26
CA PHE C 118 5.33 -2.28 24.35
C PHE C 118 5.14 -3.63 25.06
N ASP C 119 5.96 -3.89 26.06
CA ASP C 119 6.02 -5.20 26.69
C ASP C 119 4.74 -5.54 27.48
N GLN C 120 3.98 -4.50 27.84
CA GLN C 120 2.72 -4.65 28.56
C GLN C 120 1.50 -4.76 27.67
N LEU C 121 1.68 -4.77 26.36
CA LEU C 121 0.52 -4.69 25.45
C LEU C 121 0.11 -6.08 24.93
N ASN C 122 -0.74 -6.13 23.91
CA ASN C 122 -1.28 -7.38 23.32
C ASN C 122 -0.17 -8.24 22.72
N ALA C 123 0.00 -9.46 23.23
CA ALA C 123 1.10 -10.34 22.77
C ALA C 123 0.95 -10.85 21.36
N ASP C 124 -0.21 -10.70 20.76
CA ASP C 124 -0.36 -11.04 19.35
C ASP C 124 0.44 -10.15 18.40
N VAL C 125 0.80 -8.92 18.82
CA VAL C 125 1.50 -8.03 17.93
C VAL C 125 2.60 -7.18 18.60
N ARG C 126 2.70 -7.18 19.91
CA ARG C 126 3.58 -6.22 20.62
C ARG C 126 5.04 -6.37 20.27
N SER C 127 5.48 -7.62 20.15
CA SER C 127 6.89 -7.90 19.87
C SER C 127 7.32 -7.36 18.53
N GLU C 128 6.52 -7.61 17.50
CA GLU C 128 6.82 -7.15 16.15
C GLU C 128 6.74 -5.64 16.05
N GLN C 129 5.80 -5.05 16.79
CA GLN C 129 5.65 -3.58 16.75
C GLN C 129 6.86 -2.91 17.37
N LYS C 130 7.34 -3.45 18.47
CA LYS C 130 8.49 -2.90 19.16
C LYS C 130 9.71 -3.00 18.27
N MET C 131 9.91 -4.18 17.67
CA MET C 131 11.01 -4.35 16.70
C MET C 131 10.88 -3.42 15.50
N ARG C 132 9.69 -3.29 14.94
CA ARG C 132 9.46 -2.47 13.75
C ARG C 132 9.76 -1.02 14.07
N PHE C 133 9.36 -0.56 15.26
CA PHE C 133 9.58 0.85 15.55
C PHE C 133 11.08 1.13 15.62
N LEU C 134 11.81 0.26 16.30
CA LEU C 134 13.27 0.40 16.45
C LEU C 134 13.98 0.35 15.10
N GLN C 135 13.53 -0.55 14.24
CA GLN C 135 14.03 -0.66 12.86
C GLN C 135 13.76 0.60 12.04
N PHE C 136 12.57 1.16 12.16
CA PHE C 136 12.19 2.37 11.48
C PHE C 136 13.05 3.55 11.99
N PHE C 137 13.17 3.65 13.30
CA PHE C 137 13.94 4.74 13.89
C PHE C 137 15.38 4.70 13.39
N LYS C 138 15.94 3.50 13.34
CA LYS C 138 17.36 3.32 12.99
C LYS C 138 17.70 3.71 11.54
N ILE C 139 16.75 3.67 10.62
CA ILE C 139 17.08 4.02 9.23
C ILE C 139 17.36 5.53 9.02
N PHE C 140 16.97 6.35 9.99
CA PHE C 140 17.14 7.77 9.91
C PHE C 140 18.55 8.20 10.31
N HIS C 141 19.08 9.12 9.54
CA HIS C 141 20.30 9.82 9.91
C HIS C 141 19.99 10.76 11.09
N GLU C 142 20.91 10.84 12.04
CA GLU C 142 20.79 11.66 13.26
C GLU C 142 20.21 13.07 13.02
N ASP C 143 20.73 13.75 11.99
CA ASP C 143 20.39 15.15 11.74
C ASP C 143 19.16 15.30 10.86
N ILE C 144 18.66 14.18 10.35
CA ILE C 144 17.45 14.20 9.56
C ILE C 144 16.25 13.97 10.48
N ARG C 145 16.38 13.01 11.40
CA ARG C 145 15.29 12.68 12.33
C ARG C 145 15.02 13.83 13.28
N SER C 146 16.02 14.68 13.51
CA SER C 146 15.86 15.83 14.40
C SER C 146 15.52 17.12 13.68
N ASN C 147 15.27 17.07 12.38
CA ASN C 147 14.94 18.24 11.58
C ASN C 147 13.42 18.37 11.51
N ASP C 148 12.87 19.34 12.24
CA ASP C 148 11.41 19.53 12.27
C ASP C 148 10.73 19.67 10.91
N LEU C 149 11.37 20.39 9.99
CA LEU C 149 10.83 20.53 8.64
C LEU C 149 10.75 19.21 7.89
N VAL C 150 11.81 18.40 7.96
CA VAL C 150 11.80 17.13 7.30
C VAL C 150 10.68 16.29 7.87
N ILE C 151 10.63 16.21 9.20
CA ILE C 151 9.63 15.41 9.89
C ILE C 151 8.25 15.86 9.49
N SER C 152 8.02 17.16 9.46
CA SER C 152 6.73 17.72 9.05
C SER C 152 6.36 17.30 7.65
N MET C 153 7.34 17.37 6.75
CA MET C 153 7.09 16.98 5.38
C MET C 153 6.77 15.50 5.21
N ILE C 154 7.48 14.64 5.93
CA ILE C 154 7.19 13.23 5.89
C ILE C 154 5.77 12.98 6.40
N MET C 155 5.38 13.66 7.46
CA MET C 155 4.01 13.56 7.97
C MET C 155 2.98 13.91 6.90
N LEU C 156 3.25 14.95 6.13
CA LEU C 156 2.30 15.42 5.11
C LEU C 156 2.27 14.46 3.92
N ILE C 157 3.42 13.87 3.57
CA ILE C 157 3.46 12.88 2.48
C ILE C 157 2.60 11.67 2.84
N VAL C 158 2.71 11.21 4.09
CA VAL C 158 1.89 10.11 4.53
C VAL C 158 0.42 10.51 4.64
N LEU C 159 0.14 11.73 5.09
CA LEU C 159 -1.24 12.20 5.22
C LEU C 159 -1.92 12.26 3.84
N PHE C 160 -1.25 12.87 2.87
CA PHE C 160 -1.75 12.96 1.50
C PHE C 160 -1.28 11.75 0.72
N SER C 161 -1.87 10.61 1.04
CA SER C 161 -1.58 9.37 0.35
C SER C 161 -2.88 8.80 -0.19
N PRO C 162 -2.84 8.24 -1.43
CA PRO C 162 -4.06 7.69 -1.97
C PRO C 162 -4.60 6.54 -1.14
N ARG C 163 -5.89 6.53 -0.94
CA ARG C 163 -6.57 5.46 -0.21
C ARG C 163 -7.85 5.03 -0.90
N ASP C 164 -8.20 3.75 -0.78
CA ASP C 164 -9.40 3.24 -1.45
C ASP C 164 -10.66 3.80 -0.83
N SER C 165 -10.53 4.33 0.37
CA SER C 165 -11.62 4.96 1.12
C SER C 165 -12.18 6.20 0.42
N ILE C 166 -11.36 6.88 -0.37
CA ILE C 166 -11.75 8.11 -1.07
C ILE C 166 -12.19 7.78 -2.50
N THR C 167 -13.47 8.00 -2.79
CA THR C 167 -14.00 7.70 -4.12
C THR C 167 -14.25 8.98 -4.95
N ASP C 168 -14.38 10.13 -4.28
CA ASP C 168 -14.67 11.39 -4.97
C ASP C 168 -13.54 11.77 -5.91
N PRO C 169 -13.85 11.98 -7.21
CA PRO C 169 -12.77 12.25 -8.18
C PRO C 169 -11.92 13.47 -7.86
N GLU C 170 -12.53 14.52 -7.36
CA GLU C 170 -11.81 15.75 -7.09
C GLU C 170 -10.89 15.56 -5.89
N ASP C 171 -11.39 14.91 -4.84
CA ASP C 171 -10.53 14.61 -3.68
C ASP C 171 -9.34 13.77 -4.13
N ARG C 172 -9.59 12.74 -4.95
CA ARG C 172 -8.49 11.88 -5.39
C ARG C 172 -7.44 12.69 -6.13
N ARG C 173 -7.86 13.62 -7.00
CA ARG C 173 -6.88 14.48 -7.71
C ARG C 173 -6.06 15.33 -6.79
N ILE C 174 -6.73 15.99 -5.84
CA ILE C 174 -6.07 16.86 -4.90
C ILE C 174 -5.03 16.08 -4.07
N ILE C 175 -5.42 14.90 -3.60
CA ILE C 175 -4.55 14.07 -2.78
C ILE C 175 -3.31 13.68 -3.58
N ALA C 176 -3.52 13.20 -4.81
CA ALA C 176 -2.37 12.79 -5.65
C ALA C 176 -1.46 13.97 -5.94
N ARG C 177 -2.04 15.16 -6.14
CA ARG C 177 -1.29 16.34 -6.47
C ARG C 177 -0.42 16.73 -5.28
N HIS C 178 -0.99 16.71 -4.08
CA HIS C 178 -0.23 17.16 -2.91
C HIS C 178 0.78 16.10 -2.45
N HIS C 179 0.47 14.83 -2.67
CA HIS C 179 1.43 13.78 -2.41
C HIS C 179 2.72 14.03 -3.20
N GLU C 180 2.58 14.35 -4.49
CA GLU C 180 3.72 14.66 -5.34
C GLU C 180 4.39 15.96 -4.93
N GLN C 181 3.60 16.98 -4.60
CA GLN C 181 4.12 18.29 -4.22
C GLN C 181 5.05 18.18 -3.02
N PHE C 182 4.55 17.56 -1.96
CA PHE C 182 5.36 17.47 -0.71
C PHE C 182 6.52 16.51 -0.86
N SER C 183 6.35 15.43 -1.65
CA SER C 183 7.48 14.54 -1.98
C SER C 183 8.58 15.31 -2.68
N ALA C 184 8.21 16.10 -3.68
CA ALA C 184 9.19 16.90 -4.45
C ALA C 184 9.84 17.99 -3.59
N LEU C 185 9.04 18.63 -2.73
CA LEU C 185 9.54 19.67 -1.84
C LEU C 185 10.54 19.12 -0.85
N LEU C 186 10.27 17.96 -0.30
CA LEU C 186 11.20 17.36 0.66
C LEU C 186 12.55 17.15 -0.02
N ASN C 187 12.49 16.60 -1.23
CA ASN C 187 13.73 16.40 -1.99
C ASN C 187 14.47 17.70 -2.23
N ARG C 188 13.77 18.74 -2.65
CA ARG C 188 14.38 20.04 -2.90
C ARG C 188 14.97 20.67 -1.65
N TYR C 189 14.25 20.52 -0.54
CA TYR C 189 14.74 21.02 0.72
C TYR C 189 16.07 20.36 1.07
N LEU C 190 16.11 19.04 0.98
CA LEU C 190 17.32 18.26 1.30
C LEU C 190 18.47 18.62 0.35
N GLU C 191 18.15 18.83 -0.92
CA GLU C 191 19.15 19.34 -1.90
C GLU C 191 19.70 20.70 -1.52
N SER C 192 18.87 21.59 -0.98
CA SER C 192 19.32 22.92 -0.62
C SER C 192 20.29 22.88 0.56
N LEU C 193 20.20 21.84 1.39
CA LEU C 193 21.12 21.66 2.52
C LEU C 193 22.39 20.89 2.19
N TYR C 194 22.26 19.81 1.42
CA TYR C 194 23.31 18.80 1.28
C TYR C 194 23.79 18.58 -0.17
N GLY C 195 23.18 19.28 -1.10
CA GLY C 195 23.49 19.16 -2.53
C GLY C 195 23.33 17.74 -3.04
N ASP C 196 24.30 17.27 -3.82
CA ASP C 196 24.22 15.93 -4.43
C ASP C 196 24.12 14.81 -3.38
N ASP C 197 24.60 15.07 -2.18
CA ASP C 197 24.51 14.10 -1.09
C ASP C 197 23.05 13.82 -0.67
N ALA C 198 22.13 14.71 -1.04
CA ALA C 198 20.71 14.54 -0.75
C ALA C 198 20.08 13.40 -1.55
N HIS C 199 20.65 13.07 -2.71
CA HIS C 199 20.06 12.03 -3.56
C HIS C 199 19.94 10.69 -2.83
N GLN C 200 20.97 10.29 -2.10
CA GLN C 200 20.94 9.06 -1.30
C GLN C 200 19.78 9.02 -0.29
N LEU C 201 19.50 10.15 0.36
CA LEU C 201 18.38 10.25 1.29
C LEU C 201 17.06 10.14 0.55
N ASN C 202 16.94 10.83 -0.58
CA ASN C 202 15.73 10.73 -1.38
C ASN C 202 15.43 9.31 -1.79
N GLU C 203 16.48 8.55 -2.10
CA GLU C 203 16.31 7.16 -2.54
C GLU C 203 15.79 6.26 -1.45
N GLN C 204 15.94 6.69 -0.19
CA GLN C 204 15.49 5.89 0.95
C GLN C 204 14.02 6.13 1.30
N LEU C 205 13.42 7.19 0.78
CA LEU C 205 12.03 7.57 1.13
C LEU C 205 11.04 6.41 0.92
N PRO C 206 11.10 5.73 -0.24
CA PRO C 206 10.17 4.61 -0.43
C PRO C 206 10.27 3.53 0.64
N THR C 207 11.48 3.19 1.08
CA THR C 207 11.69 2.19 2.11
C THR C 207 11.06 2.66 3.42
N ALA C 208 11.32 3.90 3.78
CA ALA C 208 10.78 4.47 5.01
C ALA C 208 9.27 4.41 5.01
N LEU C 209 8.66 4.78 3.89
CA LEU C 209 7.21 4.77 3.74
C LEU C 209 6.65 3.35 3.85
N ARG C 210 7.32 2.38 3.26
CA ARG C 210 6.88 0.97 3.43
C ARG C 210 6.84 0.54 4.88
N MET C 211 7.91 0.85 5.62
CA MET C 211 8.03 0.44 7.01
C MET C 211 6.95 1.14 7.82
N LEU C 212 6.72 2.40 7.51
CA LEU C 212 5.72 3.17 8.26
C LEU C 212 4.31 2.62 8.03
N ARG C 213 3.97 2.26 6.78
CA ARG C 213 2.67 1.67 6.48
C ARG C 213 2.50 0.33 7.18
N GLU C 214 3.55 -0.45 7.22
CA GLU C 214 3.49 -1.78 7.89
C GLU C 214 3.25 -1.62 9.39
N ILE C 215 3.97 -0.69 10.00
CA ILE C 215 3.79 -0.41 11.42
C ILE C 215 2.34 -0.05 11.71
N SER C 216 1.79 0.88 10.95
CA SER C 216 0.40 1.32 11.19
C SER C 216 -0.60 0.19 10.97
N ALA C 217 -0.40 -0.57 9.90
CA ALA C 217 -1.35 -1.61 9.51
C ALA C 217 -1.49 -2.68 10.57
N SER C 218 -0.43 -2.95 11.31
CA SER C 218 -0.48 -3.99 12.32
C SER C 218 -0.64 -3.48 13.76
N SER C 219 -1.00 -2.22 13.92
CA SER C 219 -1.06 -1.66 15.27
C SER C 219 -2.45 -1.62 15.88
N GLY C 220 -3.48 -1.86 15.09
CA GLY C 220 -4.86 -1.71 15.57
C GLY C 220 -5.25 -2.51 16.81
N MET C 221 -4.71 -3.72 16.96
CA MET C 221 -5.07 -4.58 18.09
C MET C 221 -4.06 -4.50 19.26
N LEU C 222 -3.11 -3.58 19.19
CA LEU C 222 -2.04 -3.56 20.15
C LEU C 222 -2.47 -3.37 21.61
N PHE C 223 -3.59 -2.67 21.83
CA PHE C 223 -4.07 -2.38 23.17
C PHE C 223 -5.22 -3.27 23.58
N LEU C 224 -5.60 -4.22 22.73
CA LEU C 224 -6.75 -5.08 23.03
C LEU C 224 -6.52 -5.84 24.35
N GLY C 225 -7.48 -5.69 25.25
CA GLY C 225 -7.46 -6.38 26.51
C GLY C 225 -6.53 -5.82 27.58
N THR C 226 -6.00 -4.60 27.35
CA THR C 226 -4.98 -4.01 28.24
C THR C 226 -5.43 -2.81 29.01
N VAL C 227 -6.68 -2.38 28.80
CA VAL C 227 -7.13 -1.08 29.30
C VAL C 227 -8.55 -1.11 29.83
N ASN C 228 -8.75 -0.41 30.95
CA ASN C 228 -10.08 -0.07 31.44
C ASN C 228 -10.50 1.22 30.75
N THR C 229 -11.54 1.15 29.94
CA THR C 229 -12.03 2.31 29.19
C THR C 229 -12.28 3.57 30.02
N SER C 230 -12.64 3.42 31.29
CA SER C 230 -12.87 4.55 32.15
C SER C 230 -11.62 5.38 32.45
N GLU C 231 -10.44 4.81 32.19
CA GLU C 231 -9.19 5.51 32.50
C GLU C 231 -8.47 6.00 31.23
N ALA C 232 -9.07 5.77 30.05
CA ALA C 232 -8.39 6.03 28.76
C ALA C 232 -9.26 6.96 27.91
N GLU C 233 -8.61 8.00 27.38
CA GLU C 233 -9.24 8.97 26.51
C GLU C 233 -9.96 8.30 25.32
N PRO C 234 -11.10 8.85 24.90
CA PRO C 234 -11.89 8.26 23.82
C PRO C 234 -11.26 8.35 22.42
N LEU C 235 -10.59 9.45 22.09
CA LEU C 235 -10.03 9.57 20.76
C LEU C 235 -9.08 8.42 20.37
N PRO C 236 -8.09 8.09 21.23
CA PRO C 236 -7.23 7.01 20.84
C PRO C 236 -7.93 5.66 20.76
N ARG C 237 -9.01 5.49 21.52
CA ARG C 237 -9.79 4.24 21.49
C ARG C 237 -10.55 4.06 20.18
N GLU C 238 -10.65 5.12 19.38
CA GLU C 238 -11.24 5.01 18.04
C GLU C 238 -10.27 4.39 17.06
N PHE C 239 -8.97 4.53 17.32
CA PHE C 239 -7.91 3.95 16.51
C PHE C 239 -7.42 2.59 17.00
N PHE C 240 -7.45 2.40 18.31
CA PHE C 240 -6.97 1.15 18.92
C PHE C 240 -8.11 0.47 19.67
N LYS C 241 -8.58 -0.66 19.16
CA LYS C 241 -9.66 -1.42 19.80
C LYS C 241 -9.20 -1.97 21.15
N VAL C 242 -9.91 -1.65 22.21
CA VAL C 242 -9.49 -2.14 23.53
C VAL C 242 -10.29 -3.30 24.06
N GLU C 243 -11.50 -3.46 23.53
CA GLU C 243 -12.37 -4.54 23.94
C GLU C 243 -13.31 -4.87 22.82
N GLU D 2 -17.63 4.53 15.16
CA GLU D 2 -17.44 5.11 13.81
C GLU D 2 -16.62 6.40 13.85
N ASN D 3 -15.59 6.42 14.70
CA ASN D 3 -14.69 7.57 14.80
C ASN D 3 -15.42 8.91 15.02
N ALA D 4 -16.46 8.88 15.85
CA ALA D 4 -17.26 10.08 16.07
C ALA D 4 -16.49 11.26 16.61
N LEU D 5 -15.63 11.04 17.63
CA LEU D 5 -14.87 12.12 18.16
C LEU D 5 -13.89 12.71 17.13
N LEU D 6 -13.26 11.86 16.34
CA LEU D 6 -12.38 12.37 15.29
C LEU D 6 -13.15 13.29 14.35
N ARG D 7 -14.32 12.83 13.93
CA ARG D 7 -15.16 13.61 13.01
C ARG D 7 -15.56 14.93 13.67
N TYR D 8 -15.95 14.86 14.95
CA TYR D 8 -16.31 16.04 15.69
C TYR D 8 -15.20 17.07 15.78
N LEU D 9 -13.98 16.65 16.12
CA LEU D 9 -12.87 17.59 16.21
C LEU D 9 -12.51 18.17 14.83
N LEU D 10 -12.58 17.34 13.81
CA LEU D 10 -12.33 17.78 12.43
C LEU D 10 -13.32 18.85 12.02
N ASP D 11 -14.59 18.60 12.32
CA ASP D 11 -15.68 19.45 11.79
C ASP D 11 -15.98 20.68 12.62
N LYS D 12 -15.37 20.80 13.78
CA LYS D 12 -15.59 21.90 14.71
C LYS D 12 -15.16 23.21 14.05
N ASP D 13 -16.03 24.20 14.09
CA ASP D 13 -15.79 25.48 13.44
C ASP D 13 -15.27 25.40 11.99
#